data_9DZ5
#
_entry.id   9DZ5
#
_cell.length_a   110.399
_cell.length_b   66.886
_cell.length_c   68.226
_cell.angle_alpha   90.000
_cell.angle_beta   90.000
_cell.angle_gamma   90.000
#
_symmetry.space_group_name_H-M   'P 21 21 2'
#
loop_
_entity.id
_entity.type
_entity.pdbx_description
1 polymer Talin-1
2 water water
#
_entity_poly.entity_id   1
_entity_poly.type   'polypeptide(L)'
_entity_poly.pdbx_seq_one_letter_code
;MNNDNPLFKSAMVALSLKISIGNVVKTMQFEPSTMVYDACRMIRERIPEALAGPPNDFGLFLSDDDPKKGIWLEAGKALD
YYMLRNGDTMEYRKKQRPLKIRMLDGTVKTIMVDDSKTVTDMLMTICARIGITNHDEYSLVRELMEEKKDELNWLDHGRT
LREQGVEEHETLLLRRKFFYSDQNVDSRDPVQLNLLYVQARDDILNGSHPVSFDKACEFAGFQCQIQFGPHNEQKHKAGF
LDLKDFLPKEYVKQKGERKIFQAHKNCGQMSEIEAKVRYVKLARSLKTYGVSFFLVKEKMKGKNKLVPRLLGITKECVMR
VDEKTKEVIQEWSLTNIKRWAASPKSFTLDFGDYQDGYYSVQTTEGEQIAQLIAGYIRIILKKKKSKDHFGLEGDEESTM
LEDSVSPKKST
;
_entity_poly.pdbx_strand_id   A
#
# COMPACT_ATOMS: atom_id res chain seq x y z
N ASN A 3 -44.07 -32.59 -31.13
CA ASN A 3 -42.81 -33.19 -31.56
C ASN A 3 -41.80 -33.20 -30.40
N ASP A 4 -40.85 -34.15 -30.47
CA ASP A 4 -39.78 -34.30 -29.49
CA ASP A 4 -39.78 -34.30 -29.49
C ASP A 4 -38.54 -33.52 -29.91
N ASN A 5 -37.65 -33.33 -28.96
CA ASN A 5 -36.42 -32.59 -29.24
C ASN A 5 -35.19 -33.47 -29.02
N PRO A 6 -34.52 -33.92 -30.09
CA PRO A 6 -33.32 -34.76 -29.91
C PRO A 6 -32.17 -34.06 -29.20
N LEU A 7 -32.16 -32.72 -29.11
CA LEU A 7 -31.12 -32.01 -28.38
C LEU A 7 -31.26 -32.07 -26.87
N PHE A 8 -32.40 -32.53 -26.37
CA PHE A 8 -32.68 -32.40 -24.96
C PHE A 8 -31.83 -33.37 -24.13
N LYS A 9 -31.24 -32.86 -23.04
CA LYS A 9 -30.62 -33.70 -22.02
C LYS A 9 -31.18 -33.28 -20.67
N SER A 10 -31.38 -34.25 -19.79
CA SER A 10 -31.89 -33.95 -18.45
C SER A 10 -31.05 -32.87 -17.78
N ALA A 11 -31.73 -31.97 -17.03
CA ALA A 11 -31.05 -30.91 -16.32
C ALA A 11 -30.04 -31.45 -15.30
N MET A 12 -30.14 -32.72 -14.93
CA MET A 12 -29.28 -33.28 -13.90
C MET A 12 -27.97 -33.83 -14.46
N VAL A 13 -27.89 -34.04 -15.78
CA VAL A 13 -26.74 -34.68 -16.40
C VAL A 13 -25.95 -33.74 -17.28
N ALA A 14 -26.34 -32.46 -17.39
CA ALA A 14 -25.55 -31.52 -18.19
C ALA A 14 -25.63 -30.14 -17.56
N LEU A 15 -24.59 -29.34 -17.81
CA LEU A 15 -24.52 -27.97 -17.33
C LEU A 15 -24.87 -27.08 -18.51
N SER A 16 -25.89 -26.25 -18.35
CA SER A 16 -26.31 -25.28 -19.35
C SER A 16 -25.77 -23.92 -18.93
N LEU A 17 -24.73 -23.44 -19.60
CA LEU A 17 -24.06 -22.23 -19.19
C LEU A 17 -24.14 -21.16 -20.27
N LYS A 18 -24.37 -19.91 -19.86
CA LYS A 18 -24.29 -18.77 -20.76
C LYS A 18 -22.84 -18.34 -20.87
N ILE A 19 -22.32 -18.29 -22.11
CA ILE A 19 -20.95 -17.90 -22.38
C ILE A 19 -20.97 -16.47 -22.89
N SER A 20 -20.28 -15.58 -22.21
CA SER A 20 -20.30 -14.16 -22.54
C SER A 20 -18.93 -13.76 -23.09
N ILE A 21 -18.93 -13.14 -24.26
CA ILE A 21 -17.71 -12.61 -24.87
C ILE A 21 -18.06 -11.19 -25.32
N GLY A 22 -17.57 -10.20 -24.60
CA GLY A 22 -18.02 -8.84 -24.81
C GLY A 22 -19.53 -8.71 -24.78
N ASN A 23 -20.11 -8.32 -25.92
CA ASN A 23 -21.55 -8.15 -26.03
C ASN A 23 -22.27 -9.39 -26.51
N VAL A 24 -21.55 -10.44 -26.88
CA VAL A 24 -22.16 -11.68 -27.37
C VAL A 24 -22.43 -12.60 -26.19
N VAL A 25 -23.59 -13.26 -26.20
CA VAL A 25 -23.92 -14.28 -25.21
C VAL A 25 -24.54 -15.47 -25.93
N LYS A 26 -23.99 -16.66 -25.70
CA LYS A 26 -24.53 -17.89 -26.25
C LYS A 26 -24.66 -18.90 -25.12
N THR A 27 -25.81 -19.59 -25.05
CA THR A 27 -25.96 -20.65 -24.05
C THR A 27 -25.46 -21.95 -24.64
N MET A 28 -24.75 -22.71 -23.82
CA MET A 28 -23.91 -23.78 -24.31
C MET A 28 -24.03 -24.93 -23.32
N GLN A 29 -24.09 -26.17 -23.82
CA GLN A 29 -24.32 -27.36 -22.98
C GLN A 29 -23.00 -28.11 -22.78
N PHE A 30 -22.68 -28.44 -21.52
CA PHE A 30 -21.41 -29.08 -21.18
C PHE A 30 -21.63 -30.33 -20.32
N GLU A 31 -20.86 -31.38 -20.61
CA GLU A 31 -20.71 -32.44 -19.64
C GLU A 31 -20.03 -31.88 -18.40
N PRO A 32 -20.58 -32.09 -17.20
CA PRO A 32 -20.10 -31.31 -16.04
C PRO A 32 -18.68 -31.64 -15.63
N SER A 33 -18.14 -32.77 -16.05
CA SER A 33 -16.75 -33.11 -15.74
C SER A 33 -15.76 -32.55 -16.75
N THR A 34 -16.26 -31.81 -17.74
CA THR A 34 -15.41 -31.20 -18.75
C THR A 34 -14.39 -30.31 -18.06
N MET A 35 -13.14 -30.45 -18.46
CA MET A 35 -12.12 -29.60 -17.90
C MET A 35 -12.17 -28.22 -18.54
N VAL A 36 -11.84 -27.20 -17.75
CA VAL A 36 -11.90 -25.83 -18.22
C VAL A 36 -11.18 -25.66 -19.57
N TYR A 37 -9.99 -26.24 -19.74
CA TYR A 37 -9.25 -26.13 -21.00
CA TYR A 37 -9.31 -26.01 -21.02
C TYR A 37 -10.06 -26.65 -22.19
N ASP A 38 -10.76 -27.77 -21.98
CA ASP A 38 -11.56 -28.34 -23.06
C ASP A 38 -12.85 -27.56 -23.29
N ALA A 39 -13.44 -26.98 -22.24
CA ALA A 39 -14.58 -26.10 -22.45
C ALA A 39 -14.18 -24.90 -23.30
N CYS A 40 -12.95 -24.41 -23.15
CA CYS A 40 -12.54 -23.31 -24.02
C CYS A 40 -12.47 -23.76 -25.46
N ARG A 41 -11.95 -24.97 -25.72
CA ARG A 41 -11.97 -25.50 -27.08
C ARG A 41 -13.39 -25.56 -27.63
N MET A 42 -14.33 -26.10 -26.85
CA MET A 42 -15.67 -26.15 -27.42
C MET A 42 -16.26 -24.76 -27.60
N ILE A 43 -15.87 -23.78 -26.78
CA ILE A 43 -16.36 -22.42 -27.02
C ILE A 43 -15.80 -21.89 -28.33
N ARG A 44 -14.52 -22.14 -28.61
CA ARG A 44 -13.94 -21.70 -29.89
C ARG A 44 -14.62 -22.37 -31.08
N GLU A 45 -15.14 -23.59 -30.89
CA GLU A 45 -15.87 -24.26 -31.97
C GLU A 45 -17.28 -23.72 -32.20
N ARG A 46 -17.83 -22.91 -31.29
CA ARG A 46 -19.21 -22.45 -31.44
C ARG A 46 -19.37 -20.93 -31.57
N ILE A 47 -18.50 -20.14 -30.96
CA ILE A 47 -18.64 -18.69 -30.94
C ILE A 47 -17.48 -18.08 -31.73
N PRO A 48 -17.75 -17.41 -32.84
CA PRO A 48 -16.65 -16.88 -33.66
C PRO A 48 -15.82 -15.84 -32.95
N GLU A 49 -16.41 -15.05 -32.04
CA GLU A 49 -15.64 -14.06 -31.31
C GLU A 49 -14.64 -14.68 -30.33
N ALA A 50 -14.70 -15.99 -30.09
CA ALA A 50 -13.71 -16.71 -29.29
C ALA A 50 -12.39 -16.90 -30.04
N LEU A 51 -12.38 -16.64 -31.35
CA LEU A 51 -11.18 -16.77 -32.16
C LEU A 51 -10.41 -15.45 -32.31
N ALA A 52 -10.69 -14.47 -31.45
CA ALA A 52 -10.09 -13.13 -31.61
C ALA A 52 -8.64 -13.06 -31.16
N GLY A 53 -7.91 -14.16 -31.13
CA GLY A 53 -6.53 -14.14 -30.73
C GLY A 53 -6.01 -15.57 -30.57
N PRO A 54 -4.73 -15.70 -30.25
CA PRO A 54 -4.18 -17.04 -30.00
C PRO A 54 -4.96 -17.74 -28.91
N PRO A 55 -5.31 -19.01 -29.11
CA PRO A 55 -6.28 -19.65 -28.19
C PRO A 55 -5.84 -19.71 -26.74
N ASN A 56 -4.55 -19.89 -26.47
CA ASN A 56 -4.09 -19.95 -25.09
C ASN A 56 -4.05 -18.58 -24.41
N ASP A 57 -4.39 -17.50 -25.12
CA ASP A 57 -4.50 -16.17 -24.51
C ASP A 57 -5.81 -15.97 -23.75
N PHE A 58 -6.77 -16.88 -23.88
CA PHE A 58 -8.09 -16.72 -23.27
C PHE A 58 -8.33 -17.79 -22.21
N GLY A 59 -9.16 -17.44 -21.23
CA GLY A 59 -9.63 -18.39 -20.24
C GLY A 59 -11.06 -18.10 -19.80
N LEU A 60 -11.53 -18.74 -18.73
CA LEU A 60 -12.90 -18.59 -18.27
C LEU A 60 -12.89 -17.89 -16.92
N PHE A 61 -13.77 -16.90 -16.78
CA PHE A 61 -13.91 -16.04 -15.60
C PHE A 61 -15.36 -16.05 -15.14
N LEU A 62 -15.56 -16.31 -13.86
CA LEU A 62 -16.89 -16.37 -13.27
C LEU A 62 -17.16 -15.00 -12.64
N SER A 63 -18.06 -14.22 -13.24
CA SER A 63 -18.31 -12.90 -12.68
C SER A 63 -19.29 -12.98 -11.51
N ASP A 64 -19.42 -11.85 -10.82
CA ASP A 64 -20.30 -11.74 -9.67
C ASP A 64 -20.80 -10.30 -9.60
N ASP A 65 -22.03 -10.12 -9.12
CA ASP A 65 -22.54 -8.75 -8.93
C ASP A 65 -21.61 -7.94 -8.04
N ASP A 66 -20.93 -8.60 -7.11
CA ASP A 66 -19.87 -7.96 -6.35
C ASP A 66 -18.55 -8.27 -7.03
N PRO A 67 -17.92 -7.30 -7.72
CA PRO A 67 -16.71 -7.61 -8.47
C PRO A 67 -15.61 -8.23 -7.62
N LYS A 68 -15.57 -7.95 -6.31
CA LYS A 68 -14.54 -8.55 -5.48
C LYS A 68 -14.65 -10.07 -5.42
N LYS A 69 -15.79 -10.66 -5.78
CA LYS A 69 -15.97 -12.10 -5.73
C LYS A 69 -15.80 -12.79 -7.09
N GLY A 70 -15.47 -12.05 -8.15
CA GLY A 70 -15.22 -12.71 -9.43
C GLY A 70 -13.95 -13.55 -9.35
N ILE A 71 -13.96 -14.70 -10.03
CA ILE A 71 -12.78 -15.56 -10.00
C ILE A 71 -12.45 -16.13 -11.37
N TRP A 72 -11.16 -16.26 -11.64
CA TRP A 72 -10.67 -16.98 -12.80
C TRP A 72 -10.72 -18.48 -12.52
N LEU A 73 -11.13 -19.25 -13.51
CA LEU A 73 -11.12 -20.69 -13.39
C LEU A 73 -9.77 -21.25 -13.83
N GLU A 74 -9.32 -22.31 -13.15
CA GLU A 74 -8.08 -22.95 -13.57
C GLU A 74 -8.32 -23.98 -14.67
N ALA A 75 -7.36 -24.04 -15.61
CA ALA A 75 -7.50 -24.81 -16.84
C ALA A 75 -7.67 -26.30 -16.59
N GLY A 76 -7.00 -26.82 -15.56
CA GLY A 76 -7.00 -28.23 -15.23
C GLY A 76 -8.16 -28.72 -14.41
N LYS A 77 -9.06 -27.84 -13.98
CA LYS A 77 -10.18 -28.21 -13.11
C LYS A 77 -11.43 -28.50 -13.92
N ALA A 78 -12.28 -29.37 -13.38
CA ALA A 78 -13.57 -29.66 -13.98
C ALA A 78 -14.56 -28.55 -13.70
N LEU A 79 -15.46 -28.31 -14.65
CA LEU A 79 -16.50 -27.31 -14.44
C LEU A 79 -17.27 -27.53 -13.15
N ASP A 80 -17.60 -28.79 -12.82
CA ASP A 80 -18.40 -28.97 -11.61
C ASP A 80 -17.60 -28.79 -10.32
N TYR A 81 -16.27 -28.76 -10.39
CA TYR A 81 -15.51 -28.31 -9.23
C TYR A 81 -15.99 -26.94 -8.75
N TYR A 82 -16.36 -26.04 -9.69
CA TYR A 82 -16.75 -24.66 -9.33
C TYR A 82 -18.22 -24.53 -8.91
N MET A 83 -18.91 -25.65 -8.68
CA MET A 83 -20.30 -25.65 -8.20
C MET A 83 -21.22 -24.78 -9.04
N LEU A 84 -21.02 -24.86 -10.36
CA LEU A 84 -21.85 -24.17 -11.33
C LEU A 84 -23.24 -24.80 -11.38
N ARG A 85 -24.22 -23.97 -11.73
CA ARG A 85 -25.61 -24.37 -11.87
C ARG A 85 -26.11 -23.95 -13.25
N ASN A 86 -27.12 -24.66 -13.76
CA ASN A 86 -27.75 -24.28 -15.01
C ASN A 86 -28.15 -22.82 -14.97
N GLY A 87 -27.88 -22.09 -16.07
CA GLY A 87 -28.17 -20.69 -16.14
C GLY A 87 -27.06 -19.76 -15.71
N ASP A 88 -26.02 -20.27 -15.03
CA ASP A 88 -24.87 -19.46 -14.69
C ASP A 88 -24.15 -18.97 -15.95
N THR A 89 -23.49 -17.83 -15.83
CA THR A 89 -22.74 -17.20 -16.92
C THR A 89 -21.25 -17.33 -16.66
N MET A 90 -20.48 -17.67 -17.68
CA MET A 90 -19.04 -17.52 -17.59
C MET A 90 -18.52 -16.67 -18.73
N GLU A 91 -17.58 -15.79 -18.40
CA GLU A 91 -17.00 -14.88 -19.38
C GLU A 91 -15.76 -15.52 -19.97
N TYR A 92 -15.68 -15.53 -21.29
CA TYR A 92 -14.51 -15.95 -22.03
C TYR A 92 -13.64 -14.71 -22.20
N ARG A 93 -12.52 -14.67 -21.49
CA ARG A 93 -11.80 -13.42 -21.22
C ARG A 93 -10.33 -13.59 -21.53
N LYS A 94 -9.69 -12.51 -21.99
CA LYS A 94 -8.25 -12.51 -22.15
C LYS A 94 -7.56 -12.61 -20.78
N LYS A 95 -6.59 -13.53 -20.66
CA LYS A 95 -5.96 -13.78 -19.37
C LYS A 95 -5.13 -12.60 -18.90
N GLN A 96 -4.54 -11.86 -19.83
CA GLN A 96 -3.72 -10.70 -19.48
C GLN A 96 -4.54 -9.44 -19.63
N ARG A 97 -4.30 -8.49 -18.73
CA ARG A 97 -5.03 -7.22 -18.81
C ARG A 97 -4.08 -6.10 -18.49
N PRO A 98 -4.35 -4.91 -19.01
CA PRO A 98 -3.46 -3.76 -18.75
C PRO A 98 -3.64 -3.27 -17.32
N LEU A 99 -2.51 -2.99 -16.68
CA LEU A 99 -2.49 -2.43 -15.34
C LEU A 99 -1.69 -1.13 -15.40
N LYS A 100 -2.34 -0.03 -15.02
CA LYS A 100 -1.74 1.29 -15.09
C LYS A 100 -0.94 1.56 -13.83
N ILE A 101 0.34 1.90 -13.96
CA ILE A 101 1.24 1.99 -12.82
C ILE A 101 2.00 3.31 -12.88
N ARG A 102 1.96 4.08 -11.79
CA ARG A 102 2.76 5.29 -11.73
C ARG A 102 4.21 4.93 -11.40
N MET A 103 5.10 5.26 -12.33
CA MET A 103 6.52 5.01 -12.19
C MET A 103 7.19 5.95 -11.20
N LEU A 104 8.46 5.64 -10.94
CA LEU A 104 9.24 6.42 -9.99
C LEU A 104 9.58 7.81 -10.50
N ASP A 105 9.39 8.09 -11.79
CA ASP A 105 9.55 9.44 -12.31
C ASP A 105 8.23 10.20 -12.37
N GLY A 106 7.16 9.61 -11.84
CA GLY A 106 5.86 10.25 -11.80
C GLY A 106 5.00 10.02 -13.01
N THR A 107 5.55 9.45 -14.09
CA THR A 107 4.72 9.15 -15.24
C THR A 107 3.98 7.83 -15.03
N VAL A 108 2.94 7.61 -15.83
CA VAL A 108 2.15 6.38 -15.76
C VAL A 108 2.51 5.49 -16.94
N LYS A 109 2.74 4.22 -16.67
CA LYS A 109 3.08 3.23 -17.68
C LYS A 109 2.08 2.08 -17.57
N THR A 110 1.56 1.64 -18.70
CA THR A 110 0.60 0.54 -18.73
C THR A 110 1.34 -0.76 -18.98
N ILE A 111 1.17 -1.71 -18.06
CA ILE A 111 1.86 -2.99 -18.11
C ILE A 111 0.85 -4.12 -18.12
N MET A 112 1.03 -5.06 -19.03
CA MET A 112 0.14 -6.21 -19.08
C MET A 112 0.53 -7.21 -18.00
N VAL A 113 -0.48 -7.65 -17.23
CA VAL A 113 -0.26 -8.59 -16.14
C VAL A 113 -1.24 -9.73 -16.26
N ASP A 114 -0.89 -10.85 -15.66
CA ASP A 114 -1.80 -11.99 -15.54
C ASP A 114 -2.89 -11.67 -14.52
N ASP A 115 -4.13 -11.54 -14.99
CA ASP A 115 -5.22 -11.04 -14.15
C ASP A 115 -5.69 -12.04 -13.11
N SER A 116 -5.19 -13.28 -13.13
CA SER A 116 -5.56 -14.27 -12.13
C SER A 116 -4.61 -14.30 -10.93
N LYS A 117 -3.59 -13.46 -10.92
CA LYS A 117 -2.48 -13.58 -9.99
C LYS A 117 -2.62 -12.59 -8.82
N THR A 118 -1.70 -12.72 -7.85
CA THR A 118 -1.72 -11.87 -6.66
C THR A 118 -0.96 -10.58 -6.92
N VAL A 119 -1.04 -9.66 -5.96
CA VAL A 119 -0.34 -8.38 -6.10
C VAL A 119 1.16 -8.59 -6.21
N THR A 120 1.71 -9.51 -5.43
CA THR A 120 3.14 -9.81 -5.53
C THR A 120 3.52 -10.24 -6.95
N ASP A 121 2.73 -11.14 -7.54
CA ASP A 121 2.96 -11.57 -8.92
C ASP A 121 2.93 -10.39 -9.89
N MET A 122 1.89 -9.55 -9.83
CA MET A 122 1.93 -8.42 -10.75
C MET A 122 3.05 -7.43 -10.45
N LEU A 123 3.43 -7.26 -9.18
CA LEU A 123 4.62 -6.44 -8.90
C LEU A 123 5.86 -7.01 -9.59
N MET A 124 6.04 -8.34 -9.54
CA MET A 124 7.21 -8.93 -10.20
C MET A 124 7.19 -8.70 -11.70
N THR A 125 6.00 -8.80 -12.32
CA THR A 125 5.87 -8.53 -13.75
C THR A 125 6.27 -7.09 -14.06
N ILE A 126 5.74 -6.14 -13.27
CA ILE A 126 6.10 -4.74 -13.42
C ILE A 126 7.62 -4.57 -13.33
N CYS A 127 8.22 -5.08 -12.27
CA CYS A 127 9.66 -4.91 -12.07
C CYS A 127 10.47 -5.53 -13.20
N ALA A 128 10.03 -6.69 -13.70
CA ALA A 128 10.71 -7.29 -14.85
C ALA A 128 10.67 -6.38 -16.07
N ARG A 129 9.51 -5.74 -16.31
CA ARG A 129 9.40 -4.89 -17.49
CA ARG A 129 9.36 -4.87 -17.47
C ARG A 129 10.29 -3.66 -17.42
N ILE A 130 10.53 -3.11 -16.23
CA ILE A 130 11.33 -1.89 -16.12
C ILE A 130 12.71 -2.16 -15.53
N GLY A 131 13.15 -3.41 -15.55
CA GLY A 131 14.53 -3.72 -15.22
C GLY A 131 14.92 -3.65 -13.76
N ILE A 132 13.99 -3.90 -12.85
CA ILE A 132 14.27 -3.92 -11.42
C ILE A 132 14.40 -5.38 -11.00
N THR A 133 15.57 -5.77 -10.51
CA THR A 133 15.70 -7.15 -10.07
C THR A 133 15.25 -7.34 -8.63
N ASN A 134 15.43 -6.34 -7.76
CA ASN A 134 15.11 -6.50 -6.34
C ASN A 134 13.71 -5.96 -6.09
N HIS A 135 12.70 -6.73 -6.49
CA HIS A 135 11.34 -6.25 -6.33
C HIS A 135 10.95 -6.11 -4.86
N ASP A 136 11.72 -6.72 -3.95
CA ASP A 136 11.46 -6.61 -2.52
CA ASP A 136 11.45 -6.61 -2.51
C ASP A 136 11.81 -5.24 -1.95
N GLU A 137 12.44 -4.38 -2.73
CA GLU A 137 12.63 -3.01 -2.28
C GLU A 137 11.45 -2.11 -2.61
N TYR A 138 10.39 -2.67 -3.22
CA TYR A 138 9.26 -1.92 -3.76
C TYR A 138 7.93 -2.53 -3.33
N SER A 139 6.88 -1.73 -3.42
CA SER A 139 5.54 -2.23 -3.19
C SER A 139 4.57 -1.42 -4.04
N LEU A 140 3.39 -1.98 -4.25
CA LEU A 140 2.30 -1.27 -4.93
C LEU A 140 1.34 -0.72 -3.90
N VAL A 141 0.87 0.50 -4.13
CA VAL A 141 -0.09 1.15 -3.24
C VAL A 141 -1.16 1.82 -4.09
N ARG A 142 -2.34 1.98 -3.53
CA ARG A 142 -3.35 2.79 -4.18
C ARG A 142 -3.02 4.28 -4.02
N GLU A 143 -3.73 5.10 -4.80
CA GLU A 143 -3.58 6.55 -4.75
C GLU A 143 -4.91 7.20 -4.41
N LEU A 144 -5.60 6.69 -3.40
CA LEU A 144 -6.84 7.31 -2.96
C LEU A 144 -6.53 8.51 -2.08
N MET A 145 -7.46 9.46 -2.05
CA MET A 145 -7.34 10.59 -1.12
C MET A 145 -7.74 10.12 0.28
N ASP A 150 -3.41 7.48 4.65
CA ASP A 150 -4.71 6.83 4.63
C ASP A 150 -4.52 5.31 4.63
N GLU A 151 -5.04 4.64 5.67
CA GLU A 151 -4.96 3.19 5.70
C GLU A 151 -5.59 2.55 4.49
N LEU A 152 -6.29 3.33 3.67
CA LEU A 152 -6.99 2.80 2.51
C LEU A 152 -6.06 2.50 1.34
N ASN A 153 -4.87 3.07 1.30
CA ASN A 153 -4.03 2.84 0.14
C ASN A 153 -3.17 1.58 0.24
N TRP A 154 -3.11 0.96 1.42
CA TRP A 154 -2.30 -0.24 1.58
C TRP A 154 -2.89 -1.41 0.81
N LEU A 155 -2.02 -2.21 0.19
CA LEU A 155 -2.42 -3.44 -0.49
C LEU A 155 -1.66 -4.61 0.11
N ASP A 156 -2.40 -5.65 0.48
CA ASP A 156 -1.81 -6.93 0.88
C ASP A 156 -1.28 -7.60 -0.37
N HIS A 157 0.04 -7.77 -0.45
CA HIS A 157 0.61 -8.33 -1.67
C HIS A 157 0.38 -9.84 -1.78
N GLY A 158 -0.05 -10.48 -0.69
CA GLY A 158 -0.41 -11.89 -0.79
C GLY A 158 -1.81 -12.15 -1.27
N ARG A 159 -2.59 -11.10 -1.48
CA ARG A 159 -3.96 -11.22 -1.97
C ARG A 159 -4.05 -10.60 -3.37
N THR A 160 -5.22 -10.71 -3.98
CA THR A 160 -5.38 -10.13 -5.31
C THR A 160 -5.86 -8.68 -5.22
N LEU A 161 -5.62 -7.93 -6.29
CA LEU A 161 -6.24 -6.61 -6.39
C LEU A 161 -7.76 -6.73 -6.34
N ARG A 162 -8.30 -7.67 -7.11
CA ARG A 162 -9.75 -7.83 -7.25
C ARG A 162 -10.41 -7.99 -5.89
N GLU A 163 -9.89 -8.89 -5.05
CA GLU A 163 -10.60 -9.16 -3.80
C GLU A 163 -10.43 -8.03 -2.80
N GLN A 164 -9.48 -7.13 -3.03
CA GLN A 164 -9.29 -5.96 -2.20
C GLN A 164 -10.05 -4.76 -2.76
N GLY A 165 -10.87 -4.97 -3.77
CA GLY A 165 -11.72 -3.91 -4.28
C GLY A 165 -11.06 -3.00 -5.28
N VAL A 166 -9.94 -3.39 -5.86
CA VAL A 166 -9.28 -2.61 -6.90
C VAL A 166 -9.70 -3.16 -8.25
N GLU A 167 -10.45 -2.35 -9.00
CA GLU A 167 -10.91 -2.76 -10.32
C GLU A 167 -9.91 -2.31 -11.38
N GLU A 168 -10.19 -2.69 -12.62
CA GLU A 168 -9.21 -2.62 -13.70
C GLU A 168 -8.88 -1.17 -14.11
N HIS A 169 -9.78 -0.23 -13.87
CA HIS A 169 -9.55 1.17 -14.23
C HIS A 169 -8.50 1.85 -13.34
N GLU A 170 -8.20 1.28 -12.17
CA GLU A 170 -7.48 2.04 -11.15
C GLU A 170 -5.97 2.00 -11.38
N THR A 171 -5.35 3.18 -11.39
CA THR A 171 -3.91 3.32 -11.46
C THR A 171 -3.30 3.14 -10.07
N LEU A 172 -2.23 2.35 -9.98
CA LEU A 172 -1.53 2.11 -8.72
C LEU A 172 -0.17 2.79 -8.77
N LEU A 173 0.44 2.97 -7.59
CA LEU A 173 1.74 3.64 -7.48
C LEU A 173 2.81 2.62 -7.13
N LEU A 174 3.90 2.63 -7.90
CA LEU A 174 5.09 1.86 -7.53
C LEU A 174 5.89 2.70 -6.54
N ARG A 175 6.10 2.18 -5.33
CA ARG A 175 6.70 3.00 -4.27
C ARG A 175 7.93 2.30 -3.72
N ARG A 176 9.06 3.03 -3.68
CA ARG A 176 10.25 2.49 -3.04
C ARG A 176 10.10 2.48 -1.53
N LYS A 177 10.45 1.37 -0.90
CA LYS A 177 10.40 1.33 0.55
C LYS A 177 11.47 2.24 1.13
N PHE A 178 11.32 2.57 2.41
CA PHE A 178 12.28 3.43 3.08
C PHE A 178 13.56 2.67 3.40
N PHE A 179 14.70 3.25 3.05
CA PHE A 179 16.00 2.73 3.43
C PHE A 179 16.83 3.88 4.01
N TYR A 180 17.34 3.70 5.23
CA TYR A 180 18.24 4.71 5.80
C TYR A 180 19.46 4.90 4.90
N SER A 181 19.93 3.82 4.28
CA SER A 181 21.07 3.89 3.38
C SER A 181 20.80 4.69 2.11
N ASP A 182 19.53 5.04 1.82
CA ASP A 182 19.21 5.96 0.73
C ASP A 182 19.45 7.43 1.07
N GLN A 183 19.74 7.77 2.34
CA GLN A 183 19.55 9.13 2.83
C GLN A 183 20.82 9.97 2.94
N ASN A 184 21.97 9.52 2.47
CA ASN A 184 23.21 10.29 2.66
C ASN A 184 23.14 11.64 1.94
N VAL A 185 23.33 12.72 2.71
CA VAL A 185 23.04 14.08 2.27
C VAL A 185 24.29 14.75 1.68
N ASP A 186 24.11 15.92 1.07
CA ASP A 186 25.15 16.61 0.33
C ASP A 186 24.65 18.01 -0.04
N SER A 187 25.58 18.97 -0.09
CA SER A 187 25.26 20.32 -0.57
C SER A 187 25.81 20.60 -1.96
N ARG A 188 26.72 19.76 -2.46
CA ARG A 188 27.24 19.93 -3.80
C ARG A 188 26.26 19.48 -4.87
N ASP A 189 25.28 18.65 -4.52
CA ASP A 189 24.29 18.18 -5.48
C ASP A 189 22.93 18.80 -5.16
N PRO A 190 22.63 19.99 -5.66
CA PRO A 190 21.38 20.65 -5.28
C PRO A 190 20.14 19.92 -5.75
N VAL A 191 20.19 19.23 -6.89
CA VAL A 191 19.06 18.43 -7.32
C VAL A 191 18.72 17.36 -6.29
N GLN A 192 19.73 16.58 -5.87
CA GLN A 192 19.47 15.56 -4.87
C GLN A 192 19.08 16.16 -3.53
N LEU A 193 19.73 17.27 -3.14
CA LEU A 193 19.37 17.91 -1.88
C LEU A 193 17.91 18.33 -1.87
N ASN A 194 17.45 18.92 -2.98
CA ASN A 194 16.03 19.29 -3.05
C ASN A 194 15.14 18.07 -2.93
N LEU A 195 15.54 16.94 -3.52
CA LEU A 195 14.70 15.75 -3.43
C LEU A 195 14.58 15.27 -1.99
N LEU A 196 15.71 15.24 -1.27
CA LEU A 196 15.70 14.84 0.13
C LEU A 196 14.87 15.80 0.97
N TYR A 197 14.99 17.10 0.69
CA TYR A 197 14.24 18.10 1.45
C TYR A 197 12.74 17.94 1.24
N VAL A 198 12.32 17.83 -0.03
CA VAL A 198 10.89 17.70 -0.31
C VAL A 198 10.32 16.46 0.37
N GLN A 199 11.07 15.35 0.38
CA GLN A 199 10.52 14.14 0.98
C GLN A 199 10.43 14.28 2.49
N ALA A 200 11.46 14.85 3.13
CA ALA A 200 11.41 15.03 4.58
C ALA A 200 10.32 16.01 4.99
N ARG A 201 10.19 17.10 4.23
CA ARG A 201 9.16 18.10 4.48
C ARG A 201 7.77 17.51 4.32
N ASP A 202 7.52 16.81 3.22
CA ASP A 202 6.18 16.28 3.00
C ASP A 202 5.79 15.30 4.09
N ASP A 203 6.74 14.46 4.52
CA ASP A 203 6.44 13.50 5.57
C ASP A 203 6.06 14.18 6.86
N ILE A 204 6.72 15.30 7.20
CA ILE A 204 6.36 16.02 8.41
C ILE A 204 5.02 16.71 8.24
N LEU A 205 4.81 17.42 7.12
CA LEU A 205 3.56 18.17 6.93
C LEU A 205 2.36 17.22 6.87
N ASN A 206 2.50 16.08 6.22
CA ASN A 206 1.40 15.12 6.13
C ASN A 206 1.31 14.15 7.31
N GLY A 207 2.16 14.30 8.33
CA GLY A 207 1.99 13.50 9.53
C GLY A 207 2.58 12.11 9.50
N SER A 208 3.15 11.69 8.37
CA SER A 208 3.85 10.41 8.30
C SER A 208 5.01 10.36 9.27
N HIS A 209 5.68 11.50 9.45
CA HIS A 209 6.75 11.63 10.42
C HIS A 209 6.25 12.48 11.58
N PRO A 210 5.78 11.86 12.67
CA PRO A 210 5.18 12.63 13.76
C PRO A 210 6.27 13.37 14.54
N VAL A 211 6.03 14.65 14.80
CA VAL A 211 7.01 15.46 15.52
C VAL A 211 6.30 16.26 16.59
N SER A 212 7.08 16.78 17.52
CA SER A 212 6.55 17.65 18.56
C SER A 212 6.16 19.01 18.00
N PHE A 213 5.29 19.72 18.73
CA PHE A 213 4.90 21.07 18.34
C PHE A 213 6.14 21.96 18.21
N ASP A 214 7.03 21.96 19.21
CA ASP A 214 8.25 22.76 19.10
C ASP A 214 9.06 22.40 17.87
N LYS A 215 9.24 21.10 17.61
CA LYS A 215 10.01 20.71 16.42
C LYS A 215 9.28 21.12 15.15
N ALA A 216 7.96 20.94 15.11
CA ALA A 216 7.19 21.33 13.93
C ALA A 216 7.42 22.80 13.55
N CYS A 217 7.53 23.68 14.56
CA CYS A 217 7.71 25.10 14.26
C CYS A 217 9.16 25.41 13.86
N GLU A 218 10.15 24.71 14.43
CA GLU A 218 11.52 24.84 13.94
C GLU A 218 11.64 24.44 12.47
N PHE A 219 11.03 23.31 12.11
CA PHE A 219 10.98 22.92 10.70
C PHE A 219 10.36 24.00 9.85
N ALA A 220 9.22 24.53 10.29
CA ALA A 220 8.53 25.56 9.52
C ALA A 220 9.39 26.79 9.39
N GLY A 221 10.25 27.06 10.37
CA GLY A 221 11.13 28.21 10.27
C GLY A 221 12.15 28.06 9.16
N PHE A 222 12.77 26.88 9.03
CA PHE A 222 13.59 26.60 7.86
C PHE A 222 12.77 26.65 6.59
N GLN A 223 11.56 26.09 6.64
CA GLN A 223 10.70 26.14 5.46
C GLN A 223 10.49 27.58 5.02
N CYS A 224 10.26 28.49 5.97
CA CYS A 224 10.10 29.90 5.62
C CYS A 224 11.35 30.46 4.97
N GLN A 225 12.51 30.14 5.54
CA GLN A 225 13.75 30.63 4.94
C GLN A 225 13.85 30.16 3.50
N ILE A 226 13.47 28.92 3.23
CA ILE A 226 13.60 28.36 1.89
C ILE A 226 12.61 29.02 0.93
N GLN A 227 11.38 29.27 1.37
CA GLN A 227 10.39 29.75 0.43
C GLN A 227 10.42 31.27 0.26
N PHE A 228 10.82 31.99 1.31
CA PHE A 228 10.70 33.44 1.32
C PHE A 228 12.03 34.18 1.43
N GLY A 229 13.14 33.48 1.63
CA GLY A 229 14.37 34.15 1.93
C GLY A 229 14.40 34.61 3.38
N PRO A 230 15.43 35.39 3.74
CA PRO A 230 15.58 35.83 5.13
C PRO A 230 14.34 36.57 5.63
N HIS A 231 14.10 36.46 6.93
CA HIS A 231 12.91 37.02 7.53
C HIS A 231 12.91 38.54 7.45
N ASN A 232 11.76 39.11 7.13
CA ASN A 232 11.65 40.53 6.88
C ASN A 232 10.42 40.99 7.66
N GLU A 233 10.63 41.71 8.77
CA GLU A 233 9.53 42.10 9.63
C GLU A 233 8.51 43.03 8.96
N GLN A 234 8.81 43.58 7.79
CA GLN A 234 7.79 44.38 7.11
C GLN A 234 6.73 43.49 6.46
N LYS A 235 7.13 42.37 5.86
CA LYS A 235 6.20 41.53 5.12
C LYS A 235 5.81 40.26 5.87
N HIS A 236 6.67 39.76 6.76
CA HIS A 236 6.41 38.49 7.44
C HIS A 236 5.88 38.77 8.85
N LYS A 237 4.64 39.24 8.89
CA LYS A 237 3.97 39.72 10.08
C LYS A 237 2.75 38.86 10.36
N ALA A 238 2.12 39.10 11.51
CA ALA A 238 1.00 38.27 11.95
C ALA A 238 -0.03 38.11 10.84
N GLY A 239 -0.45 36.86 10.63
CA GLY A 239 -1.44 36.54 9.63
C GLY A 239 -0.90 36.20 8.26
N PHE A 240 0.39 36.43 8.01
CA PHE A 240 0.93 36.26 6.68
C PHE A 240 0.90 34.80 6.24
N LEU A 241 1.23 33.87 7.15
CA LEU A 241 1.41 32.47 6.78
C LEU A 241 0.07 31.76 6.63
N ASP A 242 -0.08 30.97 5.57
CA ASP A 242 -1.18 29.97 5.56
C ASP A 242 -0.67 28.75 6.32
N LEU A 243 -1.01 28.68 7.61
CA LEU A 243 -0.36 27.73 8.51
C LEU A 243 -0.62 26.28 8.14
N LYS A 244 -1.70 25.99 7.39
CA LYS A 244 -1.93 24.63 6.92
C LYS A 244 -0.83 24.13 5.98
N ASP A 245 -0.07 25.04 5.35
CA ASP A 245 1.01 24.62 4.48
C ASP A 245 2.37 24.54 5.19
N PHE A 246 2.42 24.86 6.48
CA PHE A 246 3.68 24.90 7.21
C PHE A 246 3.69 24.04 8.46
N LEU A 247 2.56 23.46 8.85
CA LEU A 247 2.49 22.71 10.09
C LEU A 247 1.67 21.45 9.84
N PRO A 248 2.02 20.35 10.51
CA PRO A 248 1.14 19.18 10.51
C PRO A 248 -0.26 19.59 10.97
N LYS A 249 -1.28 18.92 10.42
CA LYS A 249 -2.68 19.28 10.70
C LYS A 249 -2.97 19.44 12.19
N GLU A 250 -2.44 18.54 13.03
CA GLU A 250 -2.72 18.61 14.46
C GLU A 250 -2.22 19.91 15.08
N TYR A 251 -1.31 20.62 14.41
CA TYR A 251 -0.64 21.76 15.01
C TYR A 251 -1.04 23.08 14.35
N VAL A 252 -2.01 23.06 13.44
CA VAL A 252 -2.42 24.27 12.74
C VAL A 252 -3.22 25.15 13.70
N LYS A 253 -2.50 26.00 14.43
CA LYS A 253 -3.04 26.87 15.46
C LYS A 253 -2.31 28.19 15.37
N GLN A 254 -3.05 29.30 15.54
CA GLN A 254 -2.45 30.62 15.35
C GLN A 254 -1.22 30.83 16.21
N LYS A 255 -1.22 30.29 17.43
CA LYS A 255 -0.10 30.46 18.33
C LYS A 255 1.19 29.91 17.76
N GLY A 256 1.12 29.03 16.76
CA GLY A 256 2.35 28.53 16.15
C GLY A 256 3.10 29.58 15.34
N GLU A 257 2.39 30.56 14.77
CA GLU A 257 3.04 31.51 13.87
C GLU A 257 4.21 32.22 14.55
N ARG A 258 4.01 32.68 15.78
CA ARG A 258 5.07 33.45 16.42
C ARG A 258 6.31 32.58 16.66
N LYS A 259 6.11 31.29 16.96
CA LYS A 259 7.22 30.36 17.12
C LYS A 259 7.92 30.10 15.79
N ILE A 260 7.14 30.03 14.70
CA ILE A 260 7.73 29.87 13.38
C ILE A 260 8.57 31.10 13.02
N PHE A 261 8.03 32.30 13.27
CA PHE A 261 8.76 33.50 12.89
C PHE A 261 10.05 33.66 13.70
N GLN A 262 10.05 33.25 14.97
CA GLN A 262 11.30 33.19 15.73
C GLN A 262 12.33 32.27 15.06
N ALA A 263 11.91 31.06 14.68
CA ALA A 263 12.82 30.14 14.00
C ALA A 263 13.30 30.73 12.68
N HIS A 264 12.38 31.38 11.95
CA HIS A 264 12.73 32.00 10.68
C HIS A 264 13.79 33.09 10.86
N LYS A 265 13.53 34.00 11.80
CA LYS A 265 14.45 35.08 12.12
C LYS A 265 15.83 34.53 12.48
N ASN A 266 15.87 33.50 13.33
CA ASN A 266 17.15 32.90 13.74
C ASN A 266 17.94 32.33 12.58
N CYS A 267 17.33 32.14 11.41
CA CYS A 267 18.13 31.71 10.27
C CYS A 267 19.01 32.83 9.73
N GLY A 268 18.71 34.07 10.06
CA GLY A 268 19.51 35.17 9.54
C GLY A 268 19.50 35.19 8.03
N GLN A 269 20.69 35.37 7.45
CA GLN A 269 20.85 35.41 6.00
C GLN A 269 21.21 34.04 5.42
N MET A 270 20.88 32.97 6.13
CA MET A 270 21.27 31.64 5.66
C MET A 270 20.64 31.35 4.31
N SER A 271 21.43 30.74 3.43
CA SER A 271 21.05 30.51 2.04
C SER A 271 20.00 29.41 1.91
N GLU A 272 19.31 29.41 0.75
CA GLU A 272 18.32 28.37 0.48
C GLU A 272 18.91 26.98 0.63
N ILE A 273 20.09 26.76 0.03
CA ILE A 273 20.73 25.45 0.08
C ILE A 273 21.03 25.06 1.52
N GLU A 274 21.51 26.00 2.32
CA GLU A 274 21.93 25.65 3.66
C GLU A 274 20.72 25.40 4.56
N ALA A 275 19.62 26.10 4.31
CA ALA A 275 18.40 25.81 5.06
C ALA A 275 17.88 24.41 4.73
N LYS A 276 17.98 24.01 3.47
CA LYS A 276 17.58 22.65 3.13
C LYS A 276 18.45 21.63 3.86
N VAL A 277 19.77 21.85 3.87
CA VAL A 277 20.65 20.95 4.62
C VAL A 277 20.21 20.86 6.07
N ARG A 278 19.97 22.00 6.71
CA ARG A 278 19.58 22.01 8.12
C ARG A 278 18.24 21.33 8.33
N TYR A 279 17.28 21.57 7.43
CA TYR A 279 15.98 20.91 7.56
C TYR A 279 16.16 19.39 7.56
N VAL A 280 16.89 18.88 6.57
CA VAL A 280 17.10 17.44 6.46
C VAL A 280 17.85 16.92 7.67
N LYS A 281 18.90 17.64 8.11
CA LYS A 281 19.67 17.21 9.27
C LYS A 281 18.81 17.16 10.52
N LEU A 282 17.93 18.15 10.71
CA LEU A 282 17.07 18.11 11.89
C LEU A 282 16.12 16.92 11.84
N ALA A 283 15.57 16.62 10.66
CA ALA A 283 14.64 15.49 10.57
C ALA A 283 15.37 14.17 10.84
N ARG A 284 16.56 14.02 10.28
CA ARG A 284 17.32 12.77 10.44
C ARG A 284 17.82 12.58 11.86
N SER A 285 17.86 13.66 12.66
CA SER A 285 18.33 13.60 14.03
C SER A 285 17.30 13.02 14.99
N LEU A 286 16.03 12.94 14.60
CA LEU A 286 14.99 12.47 15.50
C LEU A 286 14.90 10.95 15.48
N LYS A 287 14.62 10.38 16.66
CA LYS A 287 14.44 8.93 16.76
C LYS A 287 13.25 8.43 15.97
N THR A 288 12.32 9.33 15.64
CA THR A 288 11.16 9.00 14.82
C THR A 288 11.47 8.96 13.33
N TYR A 289 12.65 9.40 12.91
CA TYR A 289 12.93 9.50 11.49
C TYR A 289 12.97 8.13 10.84
N GLY A 290 12.29 7.99 9.70
CA GLY A 290 12.26 6.75 8.95
C GLY A 290 11.34 5.69 9.48
N VAL A 291 10.69 5.94 10.61
CA VAL A 291 9.86 4.94 11.28
C VAL A 291 8.46 4.93 10.67
N SER A 292 7.91 3.74 10.47
CA SER A 292 6.52 3.60 10.00
C SER A 292 5.60 3.58 11.22
N PHE A 293 4.68 4.54 11.29
CA PHE A 293 3.85 4.72 12.47
C PHE A 293 2.38 4.36 12.22
N PHE A 294 1.75 3.90 13.30
CA PHE A 294 0.35 3.49 13.34
C PHE A 294 -0.25 3.99 14.64
N LEU A 295 -1.42 4.62 14.54
CA LEU A 295 -2.14 5.06 15.73
C LEU A 295 -2.95 3.89 16.27
N VAL A 296 -2.65 3.44 17.49
CA VAL A 296 -3.28 2.27 18.06
C VAL A 296 -3.89 2.67 19.41
N LYS A 297 -4.75 1.81 19.95
CA LYS A 297 -5.47 2.12 21.18
C LYS A 297 -4.99 1.17 22.29
N GLU A 298 -4.38 1.75 23.33
CA GLU A 298 -3.77 1.00 24.41
C GLU A 298 -4.72 0.93 25.61
N LYS A 299 -4.66 -0.20 26.31
CA LYS A 299 -5.35 -0.37 27.59
C LYS A 299 -4.34 -0.06 28.69
N MET A 300 -4.58 1.00 29.46
CA MET A 300 -3.72 1.37 30.58
C MET A 300 -4.24 0.71 31.86
N LYS A 301 -3.32 0.20 32.67
CA LYS A 301 -3.70 -0.42 33.94
C LYS A 301 -4.38 0.61 34.82
N GLY A 302 -5.64 0.36 35.16
CA GLY A 302 -6.39 1.28 35.99
C GLY A 302 -7.11 2.39 35.26
N LYS A 303 -7.48 2.19 34.01
CA LYS A 303 -8.25 3.19 33.27
C LYS A 303 -9.17 2.48 32.29
N ASN A 304 -10.43 2.91 32.24
CA ASN A 304 -11.39 2.28 31.36
C ASN A 304 -11.27 2.78 29.92
N LYS A 305 -11.05 4.08 29.74
CA LYS A 305 -10.91 4.63 28.40
C LYS A 305 -9.55 4.23 27.82
N LEU A 306 -9.58 3.71 26.60
CA LEU A 306 -8.35 3.34 25.90
C LEU A 306 -7.55 4.59 25.58
N VAL A 307 -6.24 4.44 25.48
CA VAL A 307 -5.33 5.57 25.28
C VAL A 307 -4.72 5.46 23.88
N PRO A 308 -4.94 6.43 23.00
CA PRO A 308 -4.27 6.38 21.70
C PRO A 308 -2.77 6.54 21.86
N ARG A 309 -2.02 5.74 21.11
CA ARG A 309 -0.57 5.78 21.18
C ARG A 309 -0.01 5.56 19.78
N LEU A 310 1.14 6.18 19.50
CA LEU A 310 1.82 5.96 18.24
C LEU A 310 2.72 4.73 18.35
N LEU A 311 2.50 3.77 17.46
CA LEU A 311 3.28 2.55 17.40
C LEU A 311 4.12 2.58 16.14
N GLY A 312 5.44 2.55 16.31
CA GLY A 312 6.38 2.66 15.20
C GLY A 312 7.16 1.37 14.99
N ILE A 313 7.36 1.00 13.72
CA ILE A 313 8.08 -0.21 13.34
C ILE A 313 9.28 0.19 12.50
N THR A 314 10.46 -0.31 12.86
CA THR A 314 11.65 -0.13 12.02
C THR A 314 12.38 -1.44 11.83
N LYS A 315 13.48 -1.36 11.05
CA LYS A 315 14.28 -2.53 10.73
C LYS A 315 14.84 -3.19 11.97
N GLU A 316 14.93 -2.48 13.08
CA GLU A 316 15.51 -3.07 14.28
C GLU A 316 14.60 -3.08 15.51
N CYS A 317 13.50 -2.33 15.54
CA CYS A 317 12.74 -2.26 16.78
C CYS A 317 11.27 -1.91 16.54
N VAL A 318 10.49 -2.08 17.61
CA VAL A 318 9.13 -1.56 17.73
C VAL A 318 9.15 -0.53 18.85
N MET A 319 8.48 0.62 18.64
CA MET A 319 8.54 1.68 19.63
C MET A 319 7.16 2.24 19.93
N ARG A 320 6.96 2.59 21.21
CA ARG A 320 5.77 3.28 21.66
C ARG A 320 6.10 4.75 21.80
N VAL A 321 5.28 5.61 21.19
CA VAL A 321 5.55 7.05 21.13
C VAL A 321 4.30 7.79 21.61
N ASP A 322 4.50 8.79 22.47
CA ASP A 322 3.38 9.56 22.97
C ASP A 322 2.70 10.31 21.84
N GLU A 323 1.36 10.21 21.78
CA GLU A 323 0.58 10.77 20.69
C GLU A 323 0.69 12.29 20.64
N LYS A 324 0.94 12.94 21.78
CA LYS A 324 0.94 14.40 21.78
C LYS A 324 2.34 14.99 21.78
N THR A 325 3.23 14.50 22.64
CA THR A 325 4.61 15.00 22.74
C THR A 325 5.58 14.32 21.80
N LYS A 326 5.24 13.16 21.28
CA LYS A 326 6.09 12.38 20.38
C LYS A 326 7.37 11.92 21.07
N GLU A 327 7.38 11.94 22.40
CA GLU A 327 8.48 11.34 23.13
C GLU A 327 8.42 9.82 22.95
N VAL A 328 9.58 9.22 22.71
CA VAL A 328 9.70 7.78 22.69
C VAL A 328 9.63 7.24 24.10
N ILE A 329 8.56 6.47 24.37
CA ILE A 329 8.27 6.00 25.72
C ILE A 329 8.86 4.62 26.01
N GLN A 330 8.93 3.75 24.99
CA GLN A 330 9.40 2.38 25.15
C GLN A 330 9.86 1.85 23.80
N GLU A 331 10.89 0.99 23.82
CA GLU A 331 11.35 0.33 22.60
C GLU A 331 11.62 -1.14 22.88
N TRP A 332 11.22 -2.01 21.95
CA TRP A 332 11.53 -3.43 21.98
C TRP A 332 12.36 -3.78 20.76
N SER A 333 13.50 -4.44 20.96
CA SER A 333 14.25 -4.94 19.83
C SER A 333 13.45 -6.04 19.13
N LEU A 334 13.54 -6.10 17.78
CA LEU A 334 12.85 -7.17 17.07
C LEU A 334 13.31 -8.55 17.55
N THR A 335 14.57 -8.64 18.01
CA THR A 335 15.14 -9.88 18.52
C THR A 335 14.39 -10.40 19.74
N ASN A 336 13.74 -9.52 20.49
CA ASN A 336 13.11 -9.90 21.76
C ASN A 336 11.59 -10.05 21.64
N ILE A 337 11.09 -10.16 20.42
CA ILE A 337 9.68 -10.49 20.16
C ILE A 337 9.59 -11.98 19.86
N LYS A 338 8.75 -12.70 20.63
CA LYS A 338 8.63 -14.14 20.45
C LYS A 338 7.66 -14.49 19.32
N ARG A 339 6.52 -13.80 19.27
CA ARG A 339 5.58 -14.00 18.20
C ARG A 339 4.63 -12.80 18.19
N TRP A 340 3.84 -12.71 17.12
CA TRP A 340 2.90 -11.62 16.94
C TRP A 340 1.64 -12.18 16.31
N ALA A 341 0.55 -11.43 16.41
CA ALA A 341 -0.72 -11.88 15.86
C ALA A 341 -1.50 -10.66 15.45
N ALA A 342 -2.25 -10.79 14.34
CA ALA A 342 -3.07 -9.70 13.84
C ALA A 342 -4.46 -10.24 13.51
N SER A 343 -5.43 -9.39 13.67
CA SER A 343 -6.81 -9.62 13.28
C SER A 343 -7.30 -8.32 12.66
N PRO A 344 -8.52 -8.27 12.11
CA PRO A 344 -9.03 -6.98 11.57
C PRO A 344 -9.30 -5.92 12.62
N LYS A 345 -9.24 -6.24 13.92
CA LYS A 345 -9.51 -5.27 14.96
C LYS A 345 -8.38 -5.06 15.96
N SER A 346 -7.35 -5.91 15.96
CA SER A 346 -6.34 -5.81 17.00
C SER A 346 -5.00 -6.33 16.52
N PHE A 347 -3.97 -6.06 17.33
CA PHE A 347 -2.60 -6.51 17.06
C PHE A 347 -1.97 -6.79 18.41
N THR A 348 -1.28 -7.93 18.53
CA THR A 348 -0.73 -8.36 19.81
C THR A 348 0.69 -8.87 19.64
N LEU A 349 1.56 -8.52 20.60
CA LEU A 349 2.94 -8.98 20.65
C LEU A 349 3.17 -9.81 21.90
N ASP A 350 3.93 -10.89 21.75
CA ASP A 350 4.33 -11.79 22.84
C ASP A 350 5.85 -11.69 22.93
N PHE A 351 6.35 -11.24 24.08
CA PHE A 351 7.79 -11.05 24.32
C PHE A 351 8.40 -12.20 25.13
N GLY A 352 7.71 -13.33 25.21
CA GLY A 352 8.26 -14.44 25.96
C GLY A 352 8.54 -14.01 27.39
N ASP A 353 9.70 -14.42 27.91
CA ASP A 353 10.05 -14.12 29.30
C ASP A 353 10.74 -12.78 29.46
N TYR A 354 10.75 -11.94 28.42
CA TYR A 354 11.27 -10.57 28.58
C TYR A 354 10.36 -9.69 29.41
N GLN A 355 9.09 -10.07 29.58
CA GLN A 355 8.17 -9.31 30.41
C GLN A 355 6.94 -10.15 30.68
N ASP A 356 6.19 -9.76 31.70
CA ASP A 356 4.94 -10.41 32.02
C ASP A 356 3.82 -9.69 31.27
N GLY A 357 3.00 -10.47 30.56
CA GLY A 357 1.92 -9.87 29.83
C GLY A 357 2.26 -9.55 28.39
N TYR A 358 1.27 -9.68 27.54
CA TYR A 358 1.39 -9.33 26.13
C TYR A 358 1.11 -7.84 25.95
N TYR A 359 1.57 -7.31 24.81
CA TYR A 359 1.18 -5.97 24.37
C TYR A 359 0.08 -6.15 23.32
N SER A 360 -1.15 -5.73 23.65
CA SER A 360 -2.31 -6.00 22.79
C SER A 360 -3.09 -4.71 22.60
N VAL A 361 -3.21 -4.25 21.36
CA VAL A 361 -3.75 -2.92 21.09
C VAL A 361 -4.84 -3.03 20.04
N GLN A 362 -5.81 -2.11 20.10
CA GLN A 362 -6.87 -2.08 19.10
C GLN A 362 -6.39 -1.24 17.93
N THR A 363 -6.61 -1.74 16.70
CA THR A 363 -6.18 -1.10 15.47
C THR A 363 -6.84 -1.81 14.30
N THR A 364 -7.14 -1.06 13.25
CA THR A 364 -7.58 -1.67 12.00
C THR A 364 -6.42 -1.89 11.01
N GLU A 365 -5.19 -1.61 11.43
CA GLU A 365 -4.02 -1.83 10.60
CA GLU A 365 -3.99 -1.81 10.62
C GLU A 365 -3.11 -2.94 11.14
N GLY A 366 -3.67 -3.89 11.89
CA GLY A 366 -2.84 -4.95 12.47
C GLY A 366 -2.10 -5.77 11.42
N GLU A 367 -2.77 -6.09 10.31
CA GLU A 367 -2.10 -6.87 9.27
C GLU A 367 -0.93 -6.11 8.67
N GLN A 368 -1.09 -4.80 8.43
CA GLN A 368 0.02 -3.97 8.00
CA GLN A 368 0.04 -3.99 7.98
C GLN A 368 1.20 -4.10 8.95
N ILE A 369 0.93 -3.94 10.25
CA ILE A 369 1.97 -3.98 11.26
C ILE A 369 2.66 -5.33 11.27
N ALA A 370 1.86 -6.40 11.29
CA ALA A 370 2.41 -7.76 11.29
C ALA A 370 3.32 -8.01 10.09
N GLN A 371 2.90 -7.56 8.90
CA GLN A 371 3.71 -7.84 7.71
C GLN A 371 5.00 -7.04 7.70
N LEU A 372 4.99 -5.83 8.24
CA LEU A 372 6.23 -5.07 8.36
C LEU A 372 7.21 -5.79 9.26
N ILE A 373 6.75 -6.20 10.44
CA ILE A 373 7.63 -6.92 11.37
C ILE A 373 8.18 -8.18 10.73
N ALA A 374 7.31 -9.01 10.15
CA ALA A 374 7.76 -10.24 9.52
C ALA A 374 8.76 -9.95 8.41
N GLY A 375 8.50 -8.91 7.63
CA GLY A 375 9.40 -8.56 6.53
C GLY A 375 10.78 -8.14 7.03
N TYR A 376 10.83 -7.32 8.07
CA TYR A 376 12.12 -6.92 8.61
C TYR A 376 12.84 -8.09 9.26
N ILE A 377 12.11 -8.95 9.96
CA ILE A 377 12.75 -10.12 10.58
C ILE A 377 13.33 -11.03 9.49
N ARG A 378 12.59 -11.22 8.40
CA ARG A 378 13.10 -12.02 7.28
C ARG A 378 14.42 -11.47 6.76
N ILE A 379 14.57 -10.13 6.68
CA ILE A 379 15.84 -9.55 6.24
C ILE A 379 16.97 -9.90 7.21
N ILE A 380 16.72 -9.75 8.52
CA ILE A 380 17.75 -10.11 9.49
C ILE A 380 18.12 -11.58 9.36
N LEU A 381 17.14 -12.45 9.19
CA LEU A 381 17.41 -13.87 8.92
C LEU A 381 18.33 -14.05 7.73
N LYS A 382 18.08 -13.32 6.63
CA LYS A 382 18.80 -13.60 5.39
C LYS A 382 20.24 -13.11 5.43
N LYS A 383 20.57 -12.21 6.36
CA LYS A 383 21.96 -11.77 6.48
C LYS A 383 22.82 -12.75 7.27
N LYS A 384 22.25 -13.43 8.26
CA LYS A 384 23.03 -14.39 9.04
C LYS A 384 23.35 -15.65 8.23
N LYS A 385 22.33 -16.25 7.61
CA LYS A 385 22.51 -17.49 6.88
C LYS A 385 23.35 -17.30 5.62
#